data_2JAJ
#
_entry.id   2JAJ
#
_cell.length_a   44.849
_cell.length_b   46.914
_cell.length_c   147.612
_cell.angle_alpha   90.00
_cell.angle_beta   94.56
_cell.angle_gamma   90.00
#
_symmetry.space_group_name_H-M   'P 1 21 1'
#
loop_
_entity.id
_entity.type
_entity.pdbx_description
1 polymer 'NG, NG-DIMETHYLARGININE DIMETHYLAMINOHYDROLASE 1'
2 non-polymer N~5~-{IMINO[(2-METHOXYETHYL)AMINO]METHYL}-L-ORNITHINE
3 water water
#
_entity_poly.entity_id   1
_entity_poly.type   'polypeptide(L)'
_entity_poly.pdbx_seq_one_letter_code
;GPLGMAGLGHPAAFGRATHAVVRALPESLGQHALRSAKGEEVDVARAERQHQLYVGVLGSKLGLQVVELPADESLPDCVF
VEDVAVVCEETALITRPGAPSRRKEVDMMKEALEKLQLNIVEMKDENATLDGGDVLFTGREFFVGLSKRTNQRGAEILAD
TFKDYAVSTVPVADGLHLKSFCSMAGPNLIAIGSSESAQKALKIMQQMSDHRYDKLTVPDDIAANCIYLNIPNKGHVLLH
RTPEEYPESAKVYEKLKDHMLIPVSMSELEKVDGLLTCCSVLINKKVDS
;
_entity_poly.pdbx_strand_id   A,B
#
# COMPACT_ATOMS: atom_id res chain seq x y z
N ALA A 13 18.01 8.71 -9.47
CA ALA A 13 18.12 10.16 -9.04
C ALA A 13 16.77 10.84 -9.34
N PHE A 14 16.06 11.24 -8.30
CA PHE A 14 14.74 11.74 -8.52
C PHE A 14 14.83 13.13 -9.16
N GLY A 15 13.96 13.43 -10.11
CA GLY A 15 13.86 14.81 -10.63
C GLY A 15 14.73 15.10 -11.83
N ARG A 16 15.56 14.15 -12.22
CA ARG A 16 16.30 14.18 -13.50
C ARG A 16 15.36 14.38 -14.68
N ALA A 17 15.69 15.36 -15.52
CA ALA A 17 14.98 15.57 -16.77
C ALA A 17 15.96 15.98 -17.89
N THR A 18 15.71 15.62 -19.14
CA THR A 18 16.58 16.09 -20.22
C THR A 18 15.82 16.96 -21.24
N HIS A 19 14.48 16.85 -21.19
CA HIS A 19 13.58 17.39 -22.19
C HIS A 19 12.35 17.92 -21.48
N ALA A 20 11.78 18.98 -22.03
CA ALA A 20 10.49 19.47 -21.58
C ALA A 20 9.61 19.76 -22.79
N VAL A 21 8.32 19.45 -22.67
CA VAL A 21 7.31 19.85 -23.68
C VAL A 21 6.53 20.99 -23.12
N VAL A 22 6.41 22.06 -23.91
CA VAL A 22 5.57 23.21 -23.52
C VAL A 22 4.68 23.56 -24.65
N ARG A 23 3.75 24.48 -24.42
CA ARG A 23 2.96 24.90 -25.61
C ARG A 23 2.59 26.36 -25.54
N ALA A 24 2.76 27.08 -26.65
CA ALA A 24 2.45 28.53 -26.66
C ALA A 24 0.96 28.79 -26.33
N LEU A 25 0.64 29.93 -25.72
CA LEU A 25 -0.76 30.20 -25.32
C LEU A 25 -1.45 31.00 -26.41
N PRO A 26 -2.71 30.67 -26.72
CA PRO A 26 -3.46 31.38 -27.75
C PRO A 26 -3.97 32.73 -27.34
N GLU A 27 -4.18 33.64 -28.30
CA GLU A 27 -4.90 34.88 -28.01
C GLU A 27 -6.25 34.63 -27.31
N SER A 28 -6.95 33.59 -27.75
CA SER A 28 -8.23 33.18 -27.16
C SER A 28 -8.25 32.81 -25.63
N LEU A 29 -7.08 32.56 -25.04
CA LEU A 29 -6.95 32.21 -23.65
C LEU A 29 -7.57 33.31 -22.80
N GLY A 30 -7.31 34.56 -23.18
CA GLY A 30 -7.72 35.68 -22.34
C GLY A 30 -9.21 35.63 -22.07
N GLN A 31 -10.01 35.39 -23.12
CA GLN A 31 -11.48 35.37 -22.92
C GLN A 31 -12.07 33.96 -22.81
N HIS A 32 -11.37 32.94 -23.31
CA HIS A 32 -12.01 31.64 -23.50
C HIS A 32 -11.49 30.50 -22.62
N ALA A 33 -10.31 30.64 -22.01
CA ALA A 33 -9.82 29.60 -21.12
C ALA A 33 -10.81 29.42 -19.95
N LEU A 34 -10.89 28.18 -19.42
CA LEU A 34 -11.85 27.87 -18.39
C LEU A 34 -11.34 28.52 -17.11
N ARG A 35 -12.24 28.87 -16.22
CA ARG A 35 -11.78 29.49 -14.98
C ARG A 35 -12.87 29.38 -13.98
N SER A 36 -12.47 29.37 -12.71
CA SER A 36 -13.43 29.38 -11.58
C SER A 36 -13.67 30.81 -11.37
N GLY A 39 -13.14 37.16 -11.16
CA GLY A 39 -13.36 38.19 -12.18
C GLY A 39 -12.11 38.64 -12.95
N GLU A 40 -11.10 39.10 -12.21
CA GLU A 40 -9.72 39.32 -12.72
C GLU A 40 -9.47 39.22 -14.25
N GLU A 41 -9.35 40.35 -14.92
CA GLU A 41 -9.17 40.35 -16.36
C GLU A 41 -7.77 39.85 -16.70
N VAL A 42 -7.67 38.96 -17.69
CA VAL A 42 -6.36 38.45 -18.08
C VAL A 42 -5.66 39.47 -19.01
N ASP A 43 -4.37 39.75 -18.71
CA ASP A 43 -3.50 40.52 -19.61
C ASP A 43 -2.72 39.51 -20.44
N VAL A 44 -3.18 39.25 -21.64
CA VAL A 44 -2.64 38.14 -22.46
C VAL A 44 -1.15 38.38 -22.84
N ALA A 45 -0.80 39.63 -23.15
CA ALA A 45 0.62 40.00 -23.42
C ALA A 45 1.54 39.74 -22.21
N ARG A 46 1.06 40.02 -20.98
CA ARG A 46 1.83 39.75 -19.77
C ARG A 46 1.93 38.24 -19.50
N ALA A 47 0.87 37.51 -19.80
CA ALA A 47 0.90 36.04 -19.69
C ALA A 47 1.93 35.44 -20.68
N GLU A 48 1.97 35.94 -21.89
CA GLU A 48 2.95 35.48 -22.90
C GLU A 48 4.35 35.77 -22.40
N ARG A 49 4.53 36.94 -21.82
CA ARG A 49 5.81 37.31 -21.24
C ARG A 49 6.26 36.38 -20.10
N GLN A 50 5.38 36.22 -19.13
CA GLN A 50 5.60 35.23 -18.10
C GLN A 50 5.88 33.82 -18.65
N HIS A 51 5.06 33.37 -19.59
CA HIS A 51 5.29 32.07 -20.18
C HIS A 51 6.66 31.98 -20.89
N GLN A 52 7.00 33.03 -21.64
CA GLN A 52 8.35 33.05 -22.32
C GLN A 52 9.48 32.99 -21.28
N LEU A 53 9.32 33.72 -20.14
CA LEU A 53 10.32 33.65 -19.11
C LEU A 53 10.49 32.26 -18.49
N TYR A 54 9.37 31.57 -18.26
CA TYR A 54 9.37 30.21 -17.72
C TYR A 54 10.02 29.23 -18.69
N VAL A 55 9.66 29.33 -19.96
CA VAL A 55 10.36 28.52 -21.01
C VAL A 55 11.89 28.81 -21.05
N GLY A 56 12.27 30.10 -20.91
CA GLY A 56 13.68 30.47 -20.81
C GLY A 56 14.44 29.76 -19.69
N VAL A 57 13.81 29.63 -18.52
CA VAL A 57 14.43 28.97 -17.39
C VAL A 57 14.67 27.50 -17.70
N LEU A 58 13.65 26.82 -18.25
CA LEU A 58 13.72 25.37 -18.48
C LEU A 58 14.80 25.05 -19.47
N GLY A 59 14.74 25.79 -20.57
CA GLY A 59 15.54 25.53 -21.77
C GLY A 59 16.85 26.24 -21.79
N SER A 60 16.85 27.55 -21.56
CA SER A 60 18.08 28.30 -21.60
C SER A 60 18.89 28.14 -20.30
N LYS A 61 18.35 28.59 -19.18
CA LYS A 61 19.09 28.57 -17.92
C LYS A 61 19.45 27.16 -17.39
N LEU A 62 18.51 26.23 -17.42
CA LEU A 62 18.77 24.87 -16.91
C LEU A 62 19.22 23.88 -17.99
N GLY A 63 19.08 24.24 -19.23
CA GLY A 63 19.66 23.39 -20.31
C GLY A 63 18.83 22.23 -20.83
N LEU A 64 17.56 22.13 -20.41
CA LEU A 64 16.71 21.12 -21.03
C LEU A 64 16.50 21.40 -22.52
N GLN A 65 16.31 20.35 -23.29
CA GLN A 65 15.88 20.47 -24.66
C GLN A 65 14.35 20.68 -24.64
N VAL A 66 13.92 21.87 -24.99
CA VAL A 66 12.49 22.17 -24.94
C VAL A 66 11.84 21.99 -26.28
N VAL A 67 10.73 21.28 -26.28
CA VAL A 67 9.88 21.16 -27.43
C VAL A 67 8.71 22.12 -27.27
N GLU A 68 8.67 23.18 -28.08
CA GLU A 68 7.69 24.24 -27.99
C GLU A 68 6.59 23.97 -28.99
N LEU A 69 5.42 23.58 -28.51
CA LEU A 69 4.29 23.31 -29.37
C LEU A 69 3.67 24.63 -29.76
N PRO A 70 3.17 24.72 -31.00
CA PRO A 70 2.44 25.94 -31.41
C PRO A 70 1.04 26.06 -30.78
N ALA A 71 0.65 27.32 -30.53
CA ALA A 71 -0.68 27.59 -30.02
C ALA A 71 -1.76 27.18 -31.02
N ASP A 72 -2.95 26.82 -30.51
CA ASP A 72 -4.10 26.54 -31.35
C ASP A 72 -5.24 27.40 -30.82
N GLU A 73 -5.61 28.43 -31.59
CA GLU A 73 -6.67 29.36 -31.15
C GLU A 73 -8.02 28.70 -30.75
N SER A 74 -8.29 27.52 -31.28
CA SER A 74 -9.49 26.74 -30.94
C SER A 74 -9.39 26.00 -29.61
N LEU A 75 -8.20 25.99 -29.03
CA LEU A 75 -7.98 25.35 -27.74
C LEU A 75 -7.39 26.37 -26.71
N PRO A 76 -8.26 27.15 -26.11
CA PRO A 76 -7.83 28.29 -25.23
C PRO A 76 -6.93 27.86 -24.10
N ASP A 77 -7.02 26.58 -23.67
CA ASP A 77 -6.22 26.11 -22.57
C ASP A 77 -4.98 25.29 -23.00
N CYS A 78 -4.62 25.31 -24.29
CA CYS A 78 -3.57 24.49 -24.80
C CYS A 78 -2.23 24.67 -24.14
N VAL A 79 -1.97 25.87 -23.59
CA VAL A 79 -0.72 26.09 -22.83
C VAL A 79 -0.52 25.06 -21.71
N PHE A 80 -1.61 24.51 -21.17
CA PHE A 80 -1.51 23.72 -19.99
C PHE A 80 -1.28 22.25 -20.26
N VAL A 81 -0.06 21.97 -20.75
CA VAL A 81 0.26 20.66 -21.38
C VAL A 81 0.32 19.61 -20.26
N GLU A 82 0.54 20.04 -19.01
CA GLU A 82 0.56 19.03 -17.95
C GLU A 82 -0.70 18.19 -17.85
N ASP A 83 -1.87 18.79 -18.09
CA ASP A 83 -3.14 18.05 -17.92
C ASP A 83 -3.33 16.93 -18.97
N VAL A 84 -2.57 16.99 -20.08
CA VAL A 84 -2.82 16.06 -21.21
C VAL A 84 -1.84 14.86 -21.32
N ALA A 85 -0.84 14.84 -20.47
CA ALA A 85 0.18 13.77 -20.56
C ALA A 85 0.86 13.58 -19.23
N VAL A 86 1.06 12.31 -18.85
CA VAL A 86 1.85 12.03 -17.67
C VAL A 86 2.95 11.10 -18.10
N VAL A 87 4.20 11.50 -17.82
CA VAL A 87 5.37 10.72 -18.35
C VAL A 87 6.10 10.15 -17.19
N CYS A 88 6.38 8.87 -17.27
CA CYS A 88 7.14 8.27 -16.20
C CYS A 88 8.09 7.28 -16.82
N GLU A 89 9.36 7.60 -16.71
CA GLU A 89 10.45 6.86 -17.31
C GLU A 89 10.33 6.92 -18.82
N GLU A 90 10.22 5.76 -19.48
CA GLU A 90 10.08 5.68 -20.93
C GLU A 90 8.62 5.52 -21.47
N THR A 91 7.64 5.76 -20.62
CA THR A 91 6.23 5.60 -20.92
C THR A 91 5.46 6.89 -20.78
N ALA A 92 4.57 7.16 -21.74
CA ALA A 92 3.74 8.38 -21.65
C ALA A 92 2.31 7.91 -21.67
N LEU A 93 1.59 8.25 -20.63
CA LEU A 93 0.13 8.17 -20.66
C LEU A 93 -0.42 9.50 -21.25
N ILE A 94 -1.12 9.40 -22.38
CA ILE A 94 -1.85 10.52 -22.97
C ILE A 94 -3.20 10.47 -22.23
N THR A 95 -3.52 11.51 -21.46
CA THR A 95 -4.73 11.42 -20.66
C THR A 95 -6.05 11.68 -21.48
N ARG A 96 -7.20 11.54 -20.84
CA ARG A 96 -8.49 11.96 -21.44
C ARG A 96 -8.97 13.09 -20.52
N PRO A 97 -8.63 14.35 -20.84
CA PRO A 97 -8.95 15.45 -19.92
C PRO A 97 -10.41 15.51 -19.42
N GLY A 98 -10.63 15.99 -18.18
CA GLY A 98 -11.99 15.96 -17.65
C GLY A 98 -12.93 16.95 -18.32
N ALA A 99 -12.39 18.07 -18.79
CA ALA A 99 -13.23 19.02 -19.54
C ALA A 99 -13.23 18.56 -21.01
N PRO A 100 -14.41 18.22 -21.55
CA PRO A 100 -14.50 17.68 -22.89
C PRO A 100 -13.93 18.63 -23.89
N SER A 101 -14.03 19.95 -23.68
CA SER A 101 -13.45 20.86 -24.70
C SER A 101 -11.92 20.84 -24.83
N ARG A 102 -11.24 20.24 -23.87
CA ARG A 102 -9.80 20.20 -23.94
C ARG A 102 -9.24 18.93 -24.56
N ARG A 103 -10.12 18.01 -24.95
CA ARG A 103 -9.70 16.68 -25.40
C ARG A 103 -8.86 16.68 -26.70
N LYS A 104 -9.11 17.62 -27.61
CA LYS A 104 -8.26 17.68 -28.83
C LYS A 104 -6.85 18.15 -28.59
N GLU A 105 -6.57 18.67 -27.41
CA GLU A 105 -5.19 19.01 -27.06
C GLU A 105 -4.28 17.80 -27.08
N VAL A 106 -4.82 16.59 -26.92
CA VAL A 106 -3.95 15.41 -26.94
C VAL A 106 -3.25 15.14 -28.28
N ASP A 107 -3.75 15.71 -29.36
CA ASP A 107 -3.30 15.30 -30.70
C ASP A 107 -1.87 15.73 -30.88
N MET A 108 -1.61 17.02 -30.68
CA MET A 108 -0.28 17.54 -30.84
C MET A 108 0.73 16.97 -29.82
N MET A 109 0.25 16.71 -28.60
CA MET A 109 1.11 16.15 -27.58
C MET A 109 1.52 14.70 -27.89
N LYS A 110 0.55 13.91 -28.34
CA LYS A 110 0.88 12.53 -28.80
C LYS A 110 2.02 12.50 -29.84
N GLU A 111 1.96 13.38 -30.80
CA GLU A 111 3.00 13.45 -31.82
C GLU A 111 4.34 13.91 -31.30
N ALA A 112 4.34 14.86 -30.34
CA ALA A 112 5.59 15.34 -29.80
C ALA A 112 6.22 14.23 -28.95
N LEU A 113 5.39 13.51 -28.18
CA LEU A 113 5.90 12.45 -27.30
C LEU A 113 6.34 11.24 -28.16
N GLU A 114 5.58 10.93 -29.21
CA GLU A 114 6.08 9.98 -30.24
C GLU A 114 7.49 10.29 -30.73
N LYS A 115 7.73 11.52 -31.16
CA LYS A 115 9.04 11.92 -31.69
C LYS A 115 10.16 11.80 -30.63
N LEU A 116 9.77 11.86 -29.34
CA LEU A 116 10.71 11.71 -28.22
C LEU A 116 10.98 10.23 -27.87
N GLN A 117 10.35 9.34 -28.65
CA GLN A 117 10.56 7.89 -28.59
C GLN A 117 10.02 7.26 -27.29
N LEU A 118 8.96 7.86 -26.74
CA LEU A 118 8.31 7.31 -25.59
C LEU A 118 7.39 6.19 -26.03
N ASN A 119 7.22 5.17 -25.19
CA ASN A 119 6.11 4.25 -25.35
C ASN A 119 4.83 4.98 -25.01
N ILE A 120 3.84 4.94 -25.89
CA ILE A 120 2.64 5.77 -25.68
C ILE A 120 1.45 4.90 -25.27
N VAL A 121 0.75 5.24 -24.18
CA VAL A 121 -0.53 4.59 -23.88
C VAL A 121 -1.62 5.67 -23.90
N GLU A 122 -2.66 5.51 -24.70
CA GLU A 122 -3.74 6.53 -24.74
C GLU A 122 -4.90 6.14 -23.91
N MET A 123 -5.36 7.08 -23.06
CA MET A 123 -6.55 6.88 -22.26
C MET A 123 -7.73 7.14 -23.23
N LYS A 124 -8.31 6.06 -23.76
CA LYS A 124 -9.43 6.16 -24.72
C LYS A 124 -10.82 5.82 -24.10
N ASP A 125 -10.84 5.01 -23.04
CA ASP A 125 -12.09 4.60 -22.31
C ASP A 125 -13.05 5.79 -22.14
N GLU A 126 -14.28 5.69 -22.67
CA GLU A 126 -15.25 6.80 -22.62
C GLU A 126 -15.87 7.08 -21.24
N ASN A 127 -15.55 6.27 -20.27
CA ASN A 127 -15.93 6.56 -18.93
C ASN A 127 -14.76 6.94 -18.06
N ALA A 128 -13.59 7.14 -18.67
CA ALA A 128 -12.43 7.56 -17.91
C ALA A 128 -12.03 9.01 -18.17
N THR A 129 -11.73 9.77 -17.09
CA THR A 129 -11.14 11.09 -17.23
C THR A 129 -9.99 11.27 -16.26
N LEU A 130 -8.96 11.95 -16.74
CA LEU A 130 -7.87 12.33 -15.88
C LEU A 130 -7.18 13.58 -16.42
N ASP A 131 -6.92 14.53 -15.52
CA ASP A 131 -6.09 15.67 -15.75
C ASP A 131 -4.73 15.39 -15.08
N GLY A 132 -3.65 15.57 -15.84
CA GLY A 132 -2.29 15.38 -15.32
C GLY A 132 -2.04 16.21 -14.03
N GLY A 133 -2.78 17.30 -13.86
CA GLY A 133 -2.57 18.18 -12.64
C GLY A 133 -3.06 17.48 -11.35
N ASP A 134 -3.85 16.40 -11.47
CA ASP A 134 -4.27 15.57 -10.31
C ASP A 134 -3.28 14.50 -9.91
N VAL A 135 -2.15 14.45 -10.60
CA VAL A 135 -1.22 13.34 -10.35
C VAL A 135 0.08 13.85 -9.76
N LEU A 136 0.42 13.26 -8.62
CA LEU A 136 1.65 13.60 -7.90
C LEU A 136 2.51 12.36 -7.94
N PHE A 137 3.67 12.46 -8.58
CA PHE A 137 4.55 11.35 -8.56
C PHE A 137 5.66 11.75 -7.60
N THR A 138 5.91 10.90 -6.62
CA THR A 138 6.86 11.21 -5.56
C THR A 138 8.25 10.67 -5.83
N GLY A 139 8.45 9.93 -6.92
CA GLY A 139 9.72 9.24 -7.10
C GLY A 139 9.58 7.78 -6.64
N ARG A 140 8.62 7.51 -5.75
CA ARG A 140 8.42 6.18 -5.16
C ARG A 140 7.05 5.56 -5.53
N GLU A 141 6.08 6.43 -5.80
CA GLU A 141 4.68 6.03 -6.00
C GLU A 141 3.90 7.21 -6.55
N PHE A 142 2.66 6.94 -6.96
CA PHE A 142 1.79 8.02 -7.44
C PHE A 142 0.66 8.20 -6.45
N PHE A 143 0.29 9.45 -6.23
CA PHE A 143 -0.98 9.79 -5.63
C PHE A 143 -1.81 10.46 -6.71
N VAL A 144 -3.08 10.09 -6.77
CA VAL A 144 -3.98 10.62 -7.81
C VAL A 144 -5.22 11.22 -7.19
N GLY A 145 -5.39 12.54 -7.39
CA GLY A 145 -6.58 13.25 -6.91
C GLY A 145 -7.84 12.78 -7.63
N LEU A 146 -8.88 12.42 -6.88
CA LEU A 146 -10.20 12.17 -7.45
C LEU A 146 -11.02 13.43 -7.29
N SER A 147 -11.26 14.09 -8.41
CA SER A 147 -11.67 15.51 -8.41
C SER A 147 -12.81 15.77 -9.39
N LYS A 148 -13.10 17.04 -9.70
CA LYS A 148 -14.10 17.36 -10.73
C LYS A 148 -13.60 16.88 -12.10
N ARG A 149 -12.28 16.74 -12.25
CA ARG A 149 -11.70 16.45 -13.54
C ARG A 149 -11.18 15.03 -13.68
N THR A 150 -10.81 14.40 -12.58
CA THR A 150 -10.28 13.05 -12.61
C THR A 150 -11.17 12.06 -11.89
N ASN A 151 -11.46 10.96 -12.55
CA ASN A 151 -12.28 10.01 -11.83
C ASN A 151 -11.57 8.74 -11.54
N GLN A 152 -12.27 7.89 -10.78
CA GLN A 152 -11.76 6.58 -10.41
C GLN A 152 -11.29 5.77 -11.62
N ARG A 153 -12.05 5.75 -12.72
CA ARG A 153 -11.59 4.95 -13.86
C ARG A 153 -10.27 5.49 -14.45
N GLY A 154 -10.11 6.81 -14.47
CA GLY A 154 -8.91 7.41 -15.05
C GLY A 154 -7.72 6.98 -14.23
N ALA A 155 -7.90 6.98 -12.91
CA ALA A 155 -6.89 6.57 -11.94
C ALA A 155 -6.53 5.12 -12.07
N GLU A 156 -7.53 4.26 -12.22
CA GLU A 156 -7.24 2.86 -12.58
C GLU A 156 -6.41 2.72 -13.86
N ILE A 157 -6.73 3.48 -14.90
CA ILE A 157 -5.94 3.28 -16.17
C ILE A 157 -4.49 3.82 -15.98
N LEU A 158 -4.32 4.84 -15.14
CA LEU A 158 -2.96 5.25 -14.74
C LEU A 158 -2.24 4.11 -14.02
N ALA A 159 -2.91 3.49 -13.06
CA ALA A 159 -2.29 2.36 -12.35
C ALA A 159 -1.86 1.26 -13.33
N ASP A 160 -2.72 0.97 -14.30
CA ASP A 160 -2.49 -0.10 -15.30
CA ASP A 160 -2.45 -0.13 -15.26
C ASP A 160 -1.32 0.23 -16.21
N THR A 161 -1.03 1.53 -16.34
CA THR A 161 -0.03 1.99 -17.28
C THR A 161 1.33 1.99 -16.60
N PHE A 162 1.38 2.45 -15.35
CA PHE A 162 2.63 2.54 -14.62
C PHE A 162 2.75 1.41 -13.64
N LYS A 163 2.90 0.22 -14.18
CA LYS A 163 2.77 -1.02 -13.43
C LYS A 163 3.87 -1.22 -12.40
N ASP A 164 5.02 -0.63 -12.64
CA ASP A 164 6.12 -0.73 -11.70
C ASP A 164 5.87 0.04 -10.38
N TYR A 165 4.86 0.91 -10.35
CA TYR A 165 4.70 1.83 -9.19
C TYR A 165 3.32 1.71 -8.53
N ALA A 166 3.27 1.86 -7.21
CA ALA A 166 1.99 1.92 -6.51
C ALA A 166 1.31 3.26 -6.81
N VAL A 167 -0.01 3.17 -6.92
CA VAL A 167 -0.91 4.28 -7.23
C VAL A 167 -1.98 4.27 -6.08
N SER A 168 -2.22 5.41 -5.48
CA SER A 168 -3.29 5.55 -4.48
C SER A 168 -4.12 6.82 -4.79
N THR A 169 -5.40 6.80 -4.51
CA THR A 169 -6.25 7.95 -4.77
C THR A 169 -6.55 8.77 -3.52
N VAL A 170 -6.74 10.05 -3.70
CA VAL A 170 -7.13 10.94 -2.63
C VAL A 170 -8.21 11.90 -3.12
N PRO A 171 -9.33 11.92 -2.42
CA PRO A 171 -10.41 12.82 -2.78
C PRO A 171 -9.93 14.24 -2.72
N VAL A 172 -10.34 15.03 -3.67
CA VAL A 172 -9.93 16.43 -3.68
C VAL A 172 -11.18 17.23 -3.91
N ALA A 173 -11.36 18.24 -3.10
CA ALA A 173 -12.59 18.94 -3.05
C ALA A 173 -12.73 20.03 -4.08
N ASP A 174 -13.97 20.47 -4.29
CA ASP A 174 -14.24 21.90 -4.54
C ASP A 174 -13.61 22.50 -5.78
N GLY A 175 -13.59 21.82 -6.90
CA GLY A 175 -12.92 22.45 -8.04
C GLY A 175 -11.39 22.51 -8.00
N LEU A 176 -10.75 21.95 -6.98
CA LEU A 176 -9.26 21.88 -6.93
C LEU A 176 -8.69 20.71 -7.77
N HIS A 177 -7.37 20.73 -8.09
CA HIS A 177 -6.60 19.54 -8.55
C HIS A 177 -5.69 19.15 -7.39
N LEU A 178 -5.30 17.88 -7.29
CA LEU A 178 -4.31 17.56 -6.24
C LEU A 178 -3.15 18.53 -6.17
N LYS A 179 -2.56 18.86 -7.30
CA LYS A 179 -1.41 19.75 -7.22
C LYS A 179 -1.79 21.24 -7.17
N SER A 180 -3.07 21.50 -6.95
CA SER A 180 -3.43 22.87 -6.63
C SER A 180 -2.78 23.30 -5.29
N PHE A 181 -2.33 22.35 -4.46
CA PHE A 181 -1.86 22.71 -3.10
C PHE A 181 -0.66 21.87 -2.69
N CYS A 182 -0.03 21.20 -3.66
CA CYS A 182 1.17 20.41 -3.32
C CYS A 182 1.97 20.14 -4.59
N SER A 183 3.23 19.73 -4.42
CA SER A 183 4.04 19.20 -5.53
C SER A 183 5.36 18.82 -4.82
N MET A 184 6.23 18.12 -5.52
CA MET A 184 7.53 17.72 -4.93
C MET A 184 8.54 18.90 -4.94
N ALA A 185 9.19 19.17 -3.81
CA ALA A 185 10.17 20.23 -3.71
C ALA A 185 11.61 19.66 -3.69
N GLY A 186 11.74 18.33 -3.60
CA GLY A 186 13.07 17.70 -3.52
C GLY A 186 12.86 16.20 -3.40
N PRO A 187 13.97 15.43 -3.34
CA PRO A 187 13.79 13.99 -3.08
C PRO A 187 13.12 13.85 -1.72
N ASN A 188 12.21 12.90 -1.61
CA ASN A 188 11.49 12.70 -0.36
C ASN A 188 10.79 13.92 0.24
N LEU A 189 10.59 15.00 -0.52
CA LEU A 189 10.08 16.27 0.05
C LEU A 189 8.83 16.77 -0.67
N ILE A 190 7.71 16.75 0.01
CA ILE A 190 6.43 17.26 -0.52
C ILE A 190 6.15 18.69 -0.01
N ALA A 191 6.12 19.63 -0.95
CA ALA A 191 5.71 20.98 -0.68
C ALA A 191 4.19 20.88 -0.53
N ILE A 192 3.65 21.40 0.58
CA ILE A 192 2.20 21.25 0.91
C ILE A 192 1.64 22.54 1.54
N GLY A 193 0.42 22.96 1.15
CA GLY A 193 -0.15 24.19 1.63
C GLY A 193 -0.76 23.94 3.02
N SER A 194 -1.17 24.99 3.71
CA SER A 194 -1.70 24.91 5.07
C SER A 194 -3.22 24.94 5.20
N SER A 195 -3.96 25.09 4.11
CA SER A 195 -5.43 25.17 4.24
C SER A 195 -6.01 23.89 4.84
N GLU A 196 -7.27 23.93 5.25
CA GLU A 196 -7.95 22.74 5.76
C GLU A 196 -7.92 21.64 4.65
N SER A 197 -8.28 22.01 3.43
CA SER A 197 -8.21 21.07 2.25
C SER A 197 -6.86 20.39 2.13
N ALA A 198 -5.81 21.19 1.94
CA ALA A 198 -4.44 20.67 1.71
C ALA A 198 -4.00 19.72 2.83
N GLN A 199 -4.22 20.14 4.09
CA GLN A 199 -3.83 19.30 5.21
C GLN A 199 -4.63 18.02 5.28
N LYS A 200 -5.92 18.07 4.97
CA LYS A 200 -6.77 16.87 4.97
C LYS A 200 -6.26 15.90 3.91
N ALA A 201 -5.84 16.44 2.78
CA ALA A 201 -5.29 15.63 1.66
C ALA A 201 -3.92 15.00 2.00
N LEU A 202 -3.01 15.80 2.55
CA LEU A 202 -1.71 15.31 2.99
C LEU A 202 -1.78 14.10 3.96
N LYS A 203 -2.69 14.18 4.94
CA LYS A 203 -2.91 13.14 5.94
C LYS A 203 -3.40 11.82 5.32
N ILE A 204 -4.37 11.92 4.43
CA ILE A 204 -4.81 10.78 3.66
C ILE A 204 -3.68 10.11 2.90
N MET A 205 -2.89 10.91 2.16
CA MET A 205 -1.73 10.42 1.39
C MET A 205 -0.70 9.71 2.29
N GLN A 206 -0.35 10.36 3.40
CA GLN A 206 0.56 9.83 4.42
C GLN A 206 0.01 8.55 5.09
N GLN A 207 -1.30 8.50 5.29
CA GLN A 207 -1.95 7.30 5.84
C GLN A 207 -1.90 6.09 4.90
N MET A 208 -1.86 6.32 3.59
CA MET A 208 -1.99 5.24 2.58
C MET A 208 -0.68 4.66 2.14
N SER A 209 0.40 5.26 2.62
CA SER A 209 1.68 4.85 2.19
C SER A 209 2.54 4.52 3.36
N ASP A 210 3.39 3.52 3.19
CA ASP A 210 4.40 3.23 4.21
C ASP A 210 5.65 4.16 4.07
N HIS A 211 5.84 4.80 2.92
CA HIS A 211 7.02 5.68 2.78
C HIS A 211 6.82 6.89 3.74
N ARG A 212 7.87 7.27 4.46
CA ARG A 212 7.82 8.42 5.37
C ARG A 212 8.30 9.68 4.63
N TYR A 213 7.41 10.52 4.11
CA TYR A 213 7.87 11.72 3.37
C TYR A 213 8.16 12.86 4.28
N ASP A 214 9.10 13.71 3.88
CA ASP A 214 9.23 14.98 4.62
C ASP A 214 8.30 15.97 3.97
N LYS A 215 7.98 17.04 4.69
CA LYS A 215 7.16 18.05 4.10
C LYS A 215 7.79 19.43 4.17
N LEU A 216 7.43 20.27 3.21
CA LEU A 216 7.76 21.71 3.30
C LEU A 216 6.46 22.47 3.28
N THR A 217 6.04 22.97 4.45
CA THR A 217 4.73 23.57 4.59
C THR A 217 4.77 25.05 4.30
N VAL A 218 3.91 25.52 3.40
CA VAL A 218 3.87 26.92 3.03
C VAL A 218 2.49 27.48 3.30
N PRO A 219 2.41 28.78 3.68
CA PRO A 219 1.11 29.37 4.08
C PRO A 219 0.18 29.65 2.93
N ASP A 220 0.69 29.63 1.69
CA ASP A 220 -0.16 29.83 0.53
C ASP A 220 -0.27 28.56 -0.29
N ASP A 221 -1.44 27.92 -0.26
CA ASP A 221 -1.69 26.71 -1.01
C ASP A 221 -1.14 26.82 -2.40
N ILE A 222 -1.52 27.87 -3.16
CA ILE A 222 -1.03 28.02 -4.54
C ILE A 222 0.52 27.95 -4.70
N ALA A 223 1.20 28.48 -3.72
CA ALA A 223 2.67 28.58 -3.72
C ALA A 223 3.34 27.25 -3.40
N ALA A 224 2.53 26.25 -3.03
CA ALA A 224 3.05 24.89 -2.81
C ALA A 224 3.26 24.21 -4.15
N ASN A 225 2.74 24.83 -5.22
CA ASN A 225 2.93 24.20 -6.57
C ASN A 225 4.23 24.73 -7.10
N CYS A 226 5.25 23.91 -7.09
CA CYS A 226 6.56 24.34 -7.57
C CYS A 226 7.16 23.26 -8.52
N ILE A 227 8.28 23.59 -9.14
CA ILE A 227 8.93 22.59 -9.95
C ILE A 227 10.33 22.25 -9.38
N TYR A 228 10.54 21.00 -8.97
CA TYR A 228 11.91 20.49 -8.63
C TYR A 228 12.56 19.77 -9.82
N LEU A 229 13.84 20.06 -10.05
CA LEU A 229 14.64 19.30 -10.99
C LEU A 229 16.00 19.02 -10.36
N ASN A 230 16.63 17.94 -10.83
CA ASN A 230 17.96 17.57 -10.39
C ASN A 230 18.77 17.68 -11.66
N ILE A 231 19.67 18.68 -11.74
CA ILE A 231 20.30 19.00 -13.01
C ILE A 231 21.80 18.71 -12.91
N PRO A 232 22.38 17.99 -13.91
CA PRO A 232 23.80 17.72 -14.01
C PRO A 232 24.58 18.99 -13.82
N ASN A 233 25.58 18.95 -12.96
CA ASN A 233 26.48 20.08 -12.74
C ASN A 233 25.80 21.27 -12.10
N LYS A 234 24.54 21.08 -11.70
CA LYS A 234 23.82 22.12 -10.98
C LYS A 234 23.26 21.56 -9.68
N GLY A 235 22.74 20.34 -9.70
CA GLY A 235 22.19 19.68 -8.48
C GLY A 235 20.72 19.98 -8.24
N HIS A 236 20.32 20.12 -6.97
CA HIS A 236 18.91 20.43 -6.69
C HIS A 236 18.54 21.79 -7.28
N VAL A 237 17.36 21.90 -7.93
CA VAL A 237 16.94 23.14 -8.55
C VAL A 237 15.44 23.24 -8.22
N LEU A 238 14.97 24.42 -7.83
CA LEU A 238 13.53 24.61 -7.59
C LEU A 238 12.99 25.93 -8.18
N LEU A 239 12.01 25.81 -9.07
CA LEU A 239 11.26 26.97 -9.55
C LEU A 239 10.07 27.13 -8.59
N HIS A 240 9.95 28.33 -8.04
CA HIS A 240 8.92 28.62 -7.04
C HIS A 240 8.31 29.99 -7.29
N ARG A 241 7.13 30.25 -6.74
CA ARG A 241 6.48 31.55 -7.01
C ARG A 241 7.25 32.69 -6.30
N THR A 242 7.08 33.94 -6.77
CA THR A 242 8.02 34.99 -6.41
C THR A 242 7.60 35.63 -5.10
N PRO A 243 8.57 36.29 -4.41
CA PRO A 243 8.22 37.00 -3.18
C PRO A 243 7.19 38.14 -3.42
N GLU A 244 7.11 38.64 -4.63
CA GLU A 244 6.13 39.68 -4.92
C GLU A 244 4.72 39.09 -5.03
N GLU A 245 4.61 37.81 -5.46
CA GLU A 245 3.36 37.11 -5.53
C GLU A 245 2.92 36.54 -4.18
N TYR A 246 3.84 35.85 -3.50
CA TYR A 246 3.54 35.10 -2.26
C TYR A 246 4.74 35.26 -1.34
N PRO A 247 4.89 36.47 -0.75
CA PRO A 247 6.03 36.78 0.12
C PRO A 247 6.27 35.76 1.25
N GLU A 248 5.20 35.36 1.94
CA GLU A 248 5.30 34.43 3.10
C GLU A 248 5.61 32.97 2.70
N SER A 249 5.28 32.59 1.49
CA SER A 249 5.73 31.30 0.99
C SER A 249 7.14 31.34 0.49
N ALA A 250 7.53 32.42 -0.19
CA ALA A 250 8.92 32.52 -0.68
C ALA A 250 9.95 32.50 0.48
N LYS A 251 9.57 33.06 1.64
CA LYS A 251 10.42 33.02 2.84
C LYS A 251 10.64 31.57 3.29
N VAL A 252 9.65 30.71 3.07
CA VAL A 252 9.82 29.29 3.39
C VAL A 252 10.85 28.63 2.41
N TYR A 253 10.65 28.78 1.10
CA TYR A 253 11.63 28.20 0.14
C TYR A 253 13.04 28.69 0.33
N GLU A 254 13.20 29.96 0.75
CA GLU A 254 14.55 30.59 0.96
C GLU A 254 15.43 29.73 1.91
N LYS A 255 14.78 28.94 2.75
CA LYS A 255 15.47 28.08 3.71
C LYS A 255 16.11 26.86 3.07
N LEU A 256 15.78 26.58 1.81
CA LEU A 256 16.43 25.50 1.09
C LEU A 256 17.82 25.92 0.61
N LYS A 257 18.80 25.88 1.53
CA LYS A 257 20.15 26.37 1.23
C LYS A 257 20.94 25.49 0.27
N ASP A 258 20.52 24.25 0.08
CA ASP A 258 21.16 23.38 -0.90
C ASP A 258 20.39 23.27 -2.23
N HIS A 259 19.37 24.10 -2.43
CA HIS A 259 18.70 24.19 -3.73
C HIS A 259 19.17 25.44 -4.48
N MET A 260 19.27 25.34 -5.79
CA MET A 260 19.32 26.55 -6.59
C MET A 260 17.88 27.07 -6.71
N LEU A 261 17.55 28.18 -6.07
CA LEU A 261 16.18 28.70 -6.09
C LEU A 261 15.91 29.66 -7.23
N ILE A 262 14.82 29.40 -7.98
CA ILE A 262 14.53 30.29 -9.10
C ILE A 262 13.11 30.81 -8.96
N PRO A 263 12.99 32.11 -8.65
CA PRO A 263 11.64 32.70 -8.64
C PRO A 263 11.06 32.87 -10.06
N VAL A 264 9.88 32.30 -10.23
CA VAL A 264 9.18 32.39 -11.50
C VAL A 264 7.75 32.90 -11.31
N SER A 265 7.41 33.99 -11.98
CA SER A 265 6.07 34.57 -11.95
C SER A 265 5.08 33.84 -12.81
N MET A 266 3.83 33.76 -12.35
CA MET A 266 2.80 33.06 -13.12
C MET A 266 1.44 33.68 -12.78
N SER A 267 1.50 34.94 -12.36
CA SER A 267 0.36 35.67 -11.87
C SER A 267 -0.82 35.74 -12.89
N GLU A 268 -0.50 35.91 -14.17
CA GLU A 268 -1.57 36.10 -15.16
C GLU A 268 -2.22 34.77 -15.44
N LEU A 269 -1.42 33.71 -15.65
CA LEU A 269 -2.03 32.38 -15.99
C LEU A 269 -2.74 31.85 -14.76
N GLU A 270 -2.28 32.25 -13.60
CA GLU A 270 -3.05 31.93 -12.36
C GLU A 270 -4.54 32.30 -12.35
N LYS A 271 -4.91 33.40 -13.01
CA LYS A 271 -6.32 33.81 -13.16
C LYS A 271 -7.19 32.77 -13.89
N VAL A 272 -6.59 31.94 -14.74
CA VAL A 272 -7.36 30.82 -15.30
C VAL A 272 -6.82 29.48 -14.72
N ASP A 273 -6.41 29.55 -13.46
CA ASP A 273 -6.00 28.41 -12.64
CA ASP A 273 -5.98 28.38 -12.64
C ASP A 273 -4.74 27.68 -13.16
N GLY A 274 -3.87 28.46 -13.79
CA GLY A 274 -2.64 27.89 -14.35
C GLY A 274 -1.46 28.20 -13.42
N LEU A 275 -0.90 27.16 -12.84
CA LEU A 275 0.22 27.27 -11.88
C LEU A 275 1.51 26.78 -12.54
N LEU A 276 2.59 26.58 -11.77
CA LEU A 276 3.88 26.28 -12.43
C LEU A 276 3.94 24.93 -13.12
N THR A 277 3.47 23.86 -12.45
CA THR A 277 3.59 22.55 -13.03
C THR A 277 2.77 22.36 -14.27
N CYS A 278 1.66 23.11 -14.34
CA CYS A 278 0.71 23.03 -15.44
C CYS A 278 1.31 23.26 -16.83
N CYS A 279 2.36 24.05 -16.90
CA CYS A 279 2.91 24.57 -18.15
C CYS A 279 4.01 23.72 -18.75
N SER A 280 4.36 22.56 -18.19
CA SER A 280 5.34 21.71 -18.91
C SER A 280 5.11 20.27 -18.58
N VAL A 281 5.55 19.39 -19.50
CA VAL A 281 5.70 17.96 -19.23
C VAL A 281 7.20 17.70 -19.28
N LEU A 282 7.73 17.04 -18.25
CA LEU A 282 9.20 16.84 -18.16
C LEU A 282 9.52 15.41 -18.45
N ILE A 283 10.62 15.17 -19.13
CA ILE A 283 10.96 13.87 -19.62
C ILE A 283 12.46 13.63 -19.38
N ASN A 284 12.81 12.44 -18.90
CA ASN A 284 14.22 12.02 -18.79
C ASN A 284 14.59 11.04 -19.93
N LYS A 285 15.36 11.48 -20.89
CA LYS A 285 15.63 10.63 -22.08
C LYS A 285 17.05 10.03 -21.97
N LYS A 286 17.20 8.71 -22.11
CA LYS A 286 18.57 8.13 -22.33
C LYS A 286 19.44 8.99 -23.29
N GLY B 1 -7.75 5.08 -1.89
CA GLY B 1 -6.80 4.00 -1.55
C GLY B 1 -5.97 3.53 -2.73
N PRO B 2 -5.17 2.47 -2.49
CA PRO B 2 -4.30 1.81 -3.44
C PRO B 2 -5.02 1.15 -4.58
N LEU B 3 -4.44 1.31 -5.75
CA LEU B 3 -4.90 0.64 -6.95
C LEU B 3 -3.73 -0.11 -7.47
N GLY B 4 -4.05 -1.10 -8.30
CA GLY B 4 -3.02 -1.85 -9.01
C GLY B 4 -2.42 -2.84 -8.04
N MET B 5 -1.22 -3.30 -8.36
CA MET B 5 -0.59 -4.41 -7.64
C MET B 5 0.67 -4.01 -6.84
N ALA B 6 1.43 -3.06 -7.42
CA ALA B 6 2.85 -2.85 -7.17
C ALA B 6 3.24 -2.33 -5.77
N GLY B 7 4.54 -2.33 -5.50
CA GLY B 7 5.03 -1.91 -4.19
C GLY B 7 5.39 -3.09 -3.30
N LEU B 8 5.99 -2.78 -2.15
CA LEU B 8 6.34 -3.77 -1.13
C LEU B 8 5.12 -4.07 -0.27
N GLY B 9 4.13 -3.19 -0.32
CA GLY B 9 2.94 -3.26 0.53
C GLY B 9 2.52 -1.90 1.06
N HIS B 10 1.56 -1.92 1.99
CA HIS B 10 0.89 -0.75 2.48
C HIS B 10 -0.03 -1.17 3.61
N PRO B 11 -0.58 -0.20 4.37
CA PRO B 11 -1.43 -0.40 5.56
C PRO B 11 -2.60 -1.38 5.44
N ALA B 12 -2.89 -1.81 4.22
CA ALA B 12 -4.02 -2.70 3.92
C ALA B 12 -3.61 -3.86 2.99
N ALA B 13 -2.30 -4.04 2.79
CA ALA B 13 -1.76 -5.17 2.08
C ALA B 13 -2.11 -6.48 2.81
N PHE B 14 -2.22 -7.57 2.06
CA PHE B 14 -2.42 -8.88 2.64
C PHE B 14 -1.20 -9.20 3.52
N GLY B 15 -1.47 -9.63 4.75
CA GLY B 15 -0.44 -10.06 5.69
C GLY B 15 0.03 -8.95 6.62
N ARG B 16 -0.64 -7.80 6.52
CA ARG B 16 -0.26 -6.66 7.33
C ARG B 16 -0.91 -6.83 8.69
N ALA B 17 -0.11 -6.67 9.74
CA ALA B 17 -0.69 -6.61 11.09
C ALA B 17 0.01 -5.52 11.85
N THR B 18 -0.71 -4.93 12.79
CA THR B 18 -0.16 -3.89 13.60
C THR B 18 0.10 -4.42 14.99
N HIS B 19 -0.56 -5.55 15.29
CA HIS B 19 -0.55 -6.12 16.62
C HIS B 19 -0.43 -7.64 16.53
N ALA B 20 0.16 -8.22 17.58
CA ALA B 20 0.06 -9.66 17.87
C ALA B 20 -0.42 -9.87 19.29
N VAL B 21 -1.37 -10.78 19.47
CA VAL B 21 -1.67 -11.18 20.83
C VAL B 21 -1.00 -12.54 21.03
N VAL B 22 -0.23 -12.62 22.10
CA VAL B 22 0.37 -13.87 22.54
C VAL B 22 -0.03 -14.20 24.00
N ARG B 23 0.38 -15.37 24.48
CA ARG B 23 0.10 -15.76 25.88
C ARG B 23 1.25 -16.61 26.43
N ALA B 24 1.68 -16.33 27.66
CA ALA B 24 2.76 -17.06 28.31
C ALA B 24 2.32 -18.49 28.57
N LEU B 25 3.20 -19.46 28.36
CA LEU B 25 2.93 -20.86 28.73
C LEU B 25 3.12 -21.12 30.24
N PRO B 26 2.26 -21.98 30.83
CA PRO B 26 2.37 -22.26 32.27
C PRO B 26 3.26 -23.47 32.50
N GLU B 27 3.78 -23.66 33.71
CA GLU B 27 4.69 -24.79 33.95
C GLU B 27 3.91 -26.09 33.75
N SER B 28 2.63 -26.04 34.09
CA SER B 28 1.65 -27.12 33.84
C SER B 28 1.52 -27.64 32.42
N LEU B 29 2.02 -26.89 31.43
CA LEU B 29 2.04 -27.35 30.05
C LEU B 29 2.80 -28.66 29.93
N GLY B 30 3.95 -28.71 30.61
CA GLY B 30 4.86 -29.81 30.54
C GLY B 30 4.21 -31.16 30.70
N GLN B 31 3.36 -31.28 31.70
CA GLN B 31 2.70 -32.55 32.03
C GLN B 31 1.28 -32.66 31.48
N HIS B 32 0.60 -31.52 31.37
CA HIS B 32 -0.86 -31.48 31.22
C HIS B 32 -1.44 -30.96 29.90
N ALA B 33 -0.62 -30.31 29.06
CA ALA B 33 -1.12 -29.84 27.79
C ALA B 33 -1.57 -31.08 27.10
N LEU B 34 -2.68 -30.98 26.36
CA LEU B 34 -3.14 -32.09 25.54
C LEU B 34 -2.08 -32.35 24.50
N ARG B 35 -1.97 -33.60 24.07
CA ARG B 35 -0.98 -34.02 23.13
C ARG B 35 -1.38 -35.38 22.67
N SER B 36 -0.84 -35.78 21.53
CA SER B 36 -1.39 -36.90 20.78
C SER B 36 -0.34 -37.93 20.41
N ALA B 37 0.92 -37.51 20.39
CA ALA B 37 2.05 -38.41 20.14
C ALA B 37 2.82 -38.65 21.42
N LYS B 38 3.14 -39.92 21.69
CA LYS B 38 3.88 -40.30 22.91
C LYS B 38 5.36 -39.86 22.84
N GLU B 41 9.08 -36.19 26.19
CA GLU B 41 9.34 -35.34 27.34
C GLU B 41 9.54 -33.88 26.91
N VAL B 42 8.89 -32.95 27.65
CA VAL B 42 8.89 -31.53 27.33
C VAL B 42 9.76 -30.74 28.31
N ASP B 43 10.82 -30.18 27.76
CA ASP B 43 11.64 -29.23 28.47
C ASP B 43 10.86 -27.92 28.42
N VAL B 44 10.20 -27.58 29.53
CA VAL B 44 9.42 -26.33 29.66
C VAL B 44 10.32 -25.09 29.52
N ALA B 45 11.52 -25.12 30.10
CA ALA B 45 12.41 -23.96 30.00
C ALA B 45 12.94 -23.78 28.58
N ARG B 46 13.18 -24.86 27.84
CA ARG B 46 13.57 -24.65 26.45
C ARG B 46 12.35 -24.07 25.71
N ALA B 47 11.15 -24.49 26.09
CA ALA B 47 9.94 -23.99 25.44
C ALA B 47 9.66 -22.51 25.76
N GLU B 48 9.83 -22.10 27.03
CA GLU B 48 9.69 -20.69 27.42
C GLU B 48 10.73 -19.86 26.68
N ARG B 49 11.89 -20.43 26.43
CA ARG B 49 12.92 -19.71 25.73
C ARG B 49 12.57 -19.55 24.28
N GLN B 50 12.19 -20.65 23.65
CA GLN B 50 11.79 -20.66 22.25
C GLN B 50 10.59 -19.75 21.97
N HIS B 51 9.63 -19.78 22.89
CA HIS B 51 8.51 -18.84 22.85
C HIS B 51 9.03 -17.43 22.84
N GLN B 52 9.89 -17.10 23.81
CA GLN B 52 10.37 -15.75 24.01
C GLN B 52 11.11 -15.23 22.76
N LEU B 53 11.81 -16.12 22.05
CA LEU B 53 12.46 -15.74 20.81
C LEU B 53 11.44 -15.42 19.69
N TYR B 54 10.37 -16.22 19.65
CA TYR B 54 9.25 -16.05 18.75
C TYR B 54 8.65 -14.67 18.97
N VAL B 55 8.14 -14.41 20.17
CA VAL B 55 7.64 -13.10 20.53
C VAL B 55 8.63 -11.98 20.14
N GLY B 56 9.90 -12.22 20.43
CA GLY B 56 10.98 -11.30 20.04
C GLY B 56 11.02 -10.98 18.56
N VAL B 57 10.72 -11.98 17.72
CA VAL B 57 10.73 -11.72 16.29
C VAL B 57 9.60 -10.77 15.90
N LEU B 58 8.38 -11.11 16.31
CA LEU B 58 7.20 -10.24 16.05
C LEU B 58 7.25 -8.83 16.66
N GLY B 59 7.90 -8.69 17.80
CA GLY B 59 7.70 -7.50 18.63
C GLY B 59 8.83 -6.51 18.53
N SER B 60 10.05 -7.03 18.72
CA SER B 60 11.26 -6.26 18.74
C SER B 60 11.93 -6.21 17.36
N LYS B 61 11.93 -7.33 16.64
CA LYS B 61 12.55 -7.35 15.30
C LYS B 61 11.61 -6.74 14.25
N LEU B 62 10.44 -7.37 14.08
CA LEU B 62 9.51 -7.01 13.01
C LEU B 62 8.68 -5.78 13.33
N GLY B 63 8.57 -5.50 14.62
CA GLY B 63 8.11 -4.21 15.06
C GLY B 63 6.64 -4.14 15.30
N LEU B 64 5.93 -5.27 15.31
CA LEU B 64 4.51 -5.25 15.66
C LEU B 64 4.37 -4.90 17.13
N GLN B 65 3.18 -4.48 17.53
CA GLN B 65 2.90 -4.40 18.95
C GLN B 65 2.43 -5.74 19.50
N VAL B 66 3.09 -6.20 20.56
CA VAL B 66 2.69 -7.45 21.21
C VAL B 66 1.89 -7.18 22.49
N VAL B 67 0.80 -7.93 22.62
CA VAL B 67 0.11 -8.04 23.88
C VAL B 67 0.48 -9.45 24.36
N GLU B 68 1.12 -9.53 25.51
CA GLU B 68 1.55 -10.78 26.10
C GLU B 68 0.71 -11.03 27.31
N LEU B 69 -0.18 -12.01 27.21
CA LEU B 69 -1.09 -12.35 28.29
C LEU B 69 -0.40 -13.28 29.26
N PRO B 70 -0.79 -13.23 30.55
CA PRO B 70 -0.19 -14.12 31.56
C PRO B 70 -0.62 -15.59 31.39
N ALA B 71 0.16 -16.50 31.95
CA ALA B 71 -0.18 -17.92 31.92
C ALA B 71 -1.16 -18.23 33.03
N ASP B 72 -2.05 -19.19 32.76
CA ASP B 72 -2.96 -19.77 33.73
C ASP B 72 -2.53 -21.22 33.88
N GLU B 73 -2.14 -21.61 35.10
CA GLU B 73 -1.70 -22.97 35.39
C GLU B 73 -2.80 -23.98 35.18
N SER B 74 -4.03 -23.57 35.47
CA SER B 74 -5.17 -24.45 35.30
C SER B 74 -5.59 -24.57 33.84
N LEU B 75 -4.79 -24.01 32.93
CA LEU B 75 -5.04 -24.07 31.47
C LEU B 75 -3.74 -24.36 30.69
N PRO B 76 -3.26 -25.60 30.74
CA PRO B 76 -1.94 -25.96 30.24
C PRO B 76 -1.69 -25.58 28.80
N ASP B 77 -2.77 -25.33 28.05
CA ASP B 77 -2.66 -25.05 26.59
C ASP B 77 -2.86 -23.57 26.21
N CYS B 78 -2.93 -22.69 27.21
CA CYS B 78 -3.27 -21.28 27.02
C CYS B 78 -2.28 -20.48 26.17
N VAL B 79 -1.08 -21.01 25.98
CA VAL B 79 -0.12 -20.42 25.05
C VAL B 79 -0.67 -20.40 23.60
N PHE B 80 -1.49 -21.39 23.28
CA PHE B 80 -1.97 -21.62 21.91
C PHE B 80 -3.23 -20.77 21.59
N VAL B 81 -3.04 -19.45 21.75
CA VAL B 81 -4.09 -18.41 21.59
C VAL B 81 -4.87 -18.44 20.27
N GLU B 82 -4.22 -18.92 19.21
CA GLU B 82 -4.84 -19.03 17.92
C GLU B 82 -6.14 -19.82 17.92
N ASP B 83 -6.15 -20.98 18.58
CA ASP B 83 -7.39 -21.76 18.61
C ASP B 83 -8.62 -21.01 19.19
N VAL B 84 -8.40 -20.01 20.03
CA VAL B 84 -9.52 -19.34 20.75
C VAL B 84 -10.11 -18.08 20.04
N ALA B 85 -9.43 -17.60 19.01
CA ALA B 85 -9.87 -16.43 18.23
C ALA B 85 -9.45 -16.48 16.76
N VAL B 86 -10.42 -16.13 15.91
CA VAL B 86 -10.17 -15.79 14.51
C VAL B 86 -10.54 -14.30 14.34
N VAL B 87 -9.57 -13.55 13.82
CA VAL B 87 -9.73 -12.12 13.55
C VAL B 87 -9.71 -11.90 12.06
N CYS B 88 -10.74 -11.23 11.55
CA CYS B 88 -10.71 -10.79 10.14
C CYS B 88 -11.06 -9.32 10.04
N GLU B 89 -10.16 -8.56 9.41
CA GLU B 89 -10.26 -7.10 9.43
C GLU B 89 -10.54 -6.63 10.87
N GLU B 90 -11.72 -6.03 11.09
CA GLU B 90 -12.08 -5.50 12.42
C GLU B 90 -12.97 -6.42 13.26
N THR B 91 -13.28 -7.60 12.75
CA THR B 91 -14.12 -8.56 13.49
C THR B 91 -13.30 -9.69 14.14
N ALA B 92 -13.64 -9.98 15.39
CA ALA B 92 -13.02 -11.07 16.15
C ALA B 92 -14.05 -12.15 16.49
N LEU B 93 -13.88 -13.33 15.89
CA LEU B 93 -14.67 -14.49 16.32
C LEU B 93 -13.97 -15.17 17.50
N ILE B 94 -14.55 -15.00 18.70
CA ILE B 94 -14.19 -15.79 19.87
C ILE B 94 -14.78 -17.20 19.73
N THR B 95 -13.91 -18.21 19.69
CA THR B 95 -14.35 -19.57 19.34
C THR B 95 -14.92 -20.32 20.54
N ARG B 96 -15.35 -21.55 20.31
CA ARG B 96 -15.74 -22.48 21.37
C ARG B 96 -14.90 -23.73 21.08
N PRO B 97 -13.69 -23.80 21.69
CA PRO B 97 -12.73 -24.90 21.44
C PRO B 97 -13.37 -26.29 21.50
N GLY B 98 -12.89 -27.20 20.66
CA GLY B 98 -13.34 -28.57 20.65
C GLY B 98 -12.97 -29.40 21.87
N ALA B 99 -11.96 -28.95 22.60
CA ALA B 99 -11.53 -29.59 23.84
C ALA B 99 -12.12 -28.81 24.99
N PRO B 100 -13.12 -29.40 25.67
CA PRO B 100 -13.85 -28.71 26.73
C PRO B 100 -13.01 -28.06 27.81
N SER B 101 -11.85 -28.67 28.10
CA SER B 101 -10.93 -28.18 29.13
C SER B 101 -10.23 -26.88 28.68
N ARG B 102 -10.37 -26.54 27.41
CA ARG B 102 -9.72 -25.34 26.86
C ARG B 102 -10.62 -24.10 26.80
N ARG B 103 -11.86 -24.22 27.24
CA ARG B 103 -12.86 -23.18 26.96
C ARG B 103 -12.77 -21.99 27.89
N LYS B 104 -12.04 -22.11 28.99
CA LYS B 104 -11.78 -20.94 29.82
C LYS B 104 -10.74 -20.02 29.18
N GLU B 105 -10.06 -20.49 28.14
CA GLU B 105 -9.03 -19.66 27.52
C GLU B 105 -9.62 -18.42 26.83
N VAL B 106 -10.89 -18.53 26.43
CA VAL B 106 -11.58 -17.47 25.68
C VAL B 106 -11.78 -16.19 26.49
N ASP B 107 -11.86 -16.36 27.80
CA ASP B 107 -12.10 -15.26 28.73
C ASP B 107 -11.02 -14.18 28.67
N MET B 108 -9.76 -14.56 28.88
CA MET B 108 -8.64 -13.64 28.72
C MET B 108 -8.57 -13.05 27.29
N MET B 109 -8.68 -13.88 26.26
CA MET B 109 -8.67 -13.40 24.88
C MET B 109 -9.75 -12.35 24.57
N LYS B 110 -10.97 -12.60 25.01
CA LYS B 110 -12.05 -11.65 24.79
C LYS B 110 -11.75 -10.28 25.42
N GLU B 111 -11.20 -10.26 26.63
CA GLU B 111 -10.74 -9.00 27.24
C GLU B 111 -9.65 -8.30 26.41
N ALA B 112 -8.69 -9.06 25.91
CA ALA B 112 -7.61 -8.55 25.05
C ALA B 112 -8.10 -7.82 23.78
N LEU B 113 -9.11 -8.39 23.12
CA LEU B 113 -9.58 -7.93 21.81
C LEU B 113 -10.56 -6.75 21.90
N GLU B 114 -11.29 -6.68 23.01
CA GLU B 114 -12.10 -5.51 23.39
C GLU B 114 -11.27 -4.22 23.54
N LYS B 115 -10.28 -4.23 24.43
CA LYS B 115 -9.33 -3.13 24.53
C LYS B 115 -8.83 -2.70 23.16
N LEU B 116 -8.61 -3.69 22.28
CA LEU B 116 -8.13 -3.44 20.92
C LEU B 116 -9.24 -2.98 19.97
N GLN B 117 -10.44 -2.79 20.52
CA GLN B 117 -11.56 -2.10 19.83
C GLN B 117 -12.10 -2.87 18.64
N LEU B 118 -11.72 -4.15 18.56
CA LEU B 118 -12.27 -5.02 17.55
C LEU B 118 -13.73 -5.27 17.89
N ASN B 119 -14.50 -5.67 16.88
CA ASN B 119 -15.88 -6.07 17.11
C ASN B 119 -15.98 -7.58 17.36
N ILE B 120 -16.58 -7.91 18.49
CA ILE B 120 -16.49 -9.25 19.05
C ILE B 120 -17.74 -10.09 18.82
N VAL B 121 -17.53 -11.17 18.07
CA VAL B 121 -18.52 -12.21 17.88
C VAL B 121 -18.13 -13.45 18.72
N GLU B 122 -19.06 -13.88 19.57
CA GLU B 122 -18.87 -15.04 20.45
C GLU B 122 -19.60 -16.29 20.01
N MET B 123 -18.85 -17.39 19.90
CA MET B 123 -19.42 -18.73 19.72
C MET B 123 -19.93 -19.22 21.07
N LYS B 124 -21.26 -19.23 21.22
CA LYS B 124 -21.88 -19.61 22.51
C LYS B 124 -22.84 -20.80 22.40
N ASP B 125 -23.14 -21.20 21.16
CA ASP B 125 -24.04 -22.31 20.91
C ASP B 125 -23.45 -23.58 21.56
N GLU B 126 -24.08 -24.00 22.68
CA GLU B 126 -23.78 -25.28 23.36
C GLU B 126 -23.68 -26.51 22.44
N ASN B 127 -23.94 -26.35 21.15
CA ASN B 127 -23.88 -27.48 20.23
C ASN B 127 -22.85 -27.26 19.12
N ALA B 128 -22.11 -26.14 19.23
CA ALA B 128 -21.03 -25.78 18.28
C ALA B 128 -19.60 -25.89 18.84
N THR B 129 -18.65 -26.34 18.03
CA THR B 129 -17.22 -26.23 18.37
C THR B 129 -16.32 -25.84 17.19
N LEU B 130 -15.35 -24.98 17.45
CA LEU B 130 -14.31 -24.64 16.47
C LEU B 130 -12.99 -24.22 17.14
N ASP B 131 -11.89 -24.62 16.51
CA ASP B 131 -10.53 -24.32 16.93
C ASP B 131 -9.86 -23.47 15.83
N GLY B 132 -9.46 -22.25 16.17
CA GLY B 132 -8.79 -21.36 15.17
C GLY B 132 -7.69 -22.00 14.33
N GLY B 133 -7.08 -23.06 14.84
CA GLY B 133 -6.03 -23.73 14.09
C GLY B 133 -6.62 -24.54 12.95
N ASP B 134 -7.95 -24.70 12.94
CA ASP B 134 -8.62 -25.31 11.78
C ASP B 134 -8.83 -24.36 10.61
N VAL B 135 -8.70 -23.06 10.87
CA VAL B 135 -9.03 -22.02 9.86
C VAL B 135 -7.85 -21.50 9.03
N LEU B 136 -7.96 -21.60 7.71
CA LEU B 136 -7.01 -20.97 6.81
C LEU B 136 -7.67 -19.81 6.08
N PHE B 137 -7.21 -18.59 6.37
CA PHE B 137 -7.67 -17.37 5.67
C PHE B 137 -6.64 -17.01 4.62
N THR B 138 -7.09 -17.01 3.37
CA THR B 138 -6.20 -16.87 2.24
C THR B 138 -5.94 -15.41 1.89
N GLY B 139 -6.78 -14.53 2.43
CA GLY B 139 -6.87 -13.14 2.01
C GLY B 139 -8.02 -13.03 1.02
N ARG B 140 -8.15 -14.07 0.18
CA ARG B 140 -9.22 -14.25 -0.83
C ARG B 140 -10.47 -15.02 -0.36
N GLU B 141 -10.40 -15.70 0.80
CA GLU B 141 -11.48 -16.59 1.30
C GLU B 141 -11.03 -17.41 2.53
N PHE B 142 -11.98 -17.95 3.31
CA PHE B 142 -11.67 -18.93 4.37
C PHE B 142 -11.67 -20.40 3.90
N PHE B 143 -10.84 -21.22 4.55
CA PHE B 143 -11.00 -22.69 4.53
C PHE B 143 -11.08 -23.14 5.98
N VAL B 144 -11.90 -24.16 6.25
CA VAL B 144 -12.13 -24.58 7.63
C VAL B 144 -12.10 -26.10 7.72
N GLY B 145 -11.19 -26.60 8.55
CA GLY B 145 -11.07 -28.02 8.82
C GLY B 145 -12.27 -28.55 9.56
N LEU B 146 -12.81 -29.65 9.04
CA LEU B 146 -13.78 -30.46 9.74
C LEU B 146 -12.95 -31.47 10.52
N SER B 147 -13.08 -31.44 11.85
CA SER B 147 -12.08 -32.10 12.70
C SER B 147 -12.60 -32.73 14.00
N LYS B 148 -11.68 -33.33 14.77
CA LYS B 148 -11.95 -33.71 16.16
C LYS B 148 -12.41 -32.51 16.96
N ARG B 149 -11.90 -31.32 16.58
CA ARG B 149 -12.14 -30.09 17.33
C ARG B 149 -13.14 -29.15 16.70
N THR B 150 -13.25 -29.21 15.37
CA THR B 150 -14.17 -28.32 14.65
C THR B 150 -15.31 -29.02 13.91
N ASN B 151 -16.53 -28.77 14.39
CA ASN B 151 -17.74 -29.38 13.88
C ASN B 151 -18.40 -28.51 12.80
N GLN B 152 -19.65 -28.78 12.46
CA GLN B 152 -20.32 -28.09 11.36
C GLN B 152 -21.05 -26.88 11.93
N ARG B 153 -21.75 -27.04 13.05
CA ARG B 153 -22.41 -25.89 13.69
C ARG B 153 -21.42 -24.77 13.99
N GLY B 154 -20.15 -25.14 14.15
CA GLY B 154 -19.08 -24.18 14.45
C GLY B 154 -18.60 -23.42 13.24
N ALA B 155 -18.23 -24.16 12.19
CA ALA B 155 -17.85 -23.59 10.89
C ALA B 155 -18.95 -22.76 10.24
N GLU B 156 -20.20 -23.17 10.44
CA GLU B 156 -21.35 -22.38 10.03
C GLU B 156 -21.48 -21.11 10.86
N ILE B 157 -21.16 -21.21 12.16
CA ILE B 157 -21.32 -20.09 13.07
C ILE B 157 -20.33 -18.99 12.71
N LEU B 158 -19.27 -19.40 12.04
CA LEU B 158 -18.23 -18.49 11.57
C LEU B 158 -18.79 -17.74 10.39
N ALA B 159 -19.42 -18.51 9.49
CA ALA B 159 -20.05 -18.00 8.26
C ALA B 159 -21.00 -16.86 8.54
N ASP B 160 -21.90 -17.01 9.52
CA ASP B 160 -22.75 -15.89 9.98
C ASP B 160 -21.90 -14.68 10.41
N THR B 161 -20.73 -14.95 10.98
CA THR B 161 -19.82 -13.92 11.47
C THR B 161 -19.08 -13.14 10.34
N PHE B 162 -18.55 -13.85 9.35
CA PHE B 162 -17.72 -13.27 8.27
C PHE B 162 -18.42 -13.33 6.91
N LYS B 163 -19.67 -12.85 6.88
CA LYS B 163 -20.52 -12.92 5.68
C LYS B 163 -19.88 -12.52 4.33
N ASP B 164 -18.93 -11.58 4.37
CA ASP B 164 -18.36 -11.06 3.13
C ASP B 164 -17.32 -11.97 2.47
N TYR B 165 -17.18 -13.21 2.98
CA TYR B 165 -16.15 -14.14 2.46
C TYR B 165 -16.62 -15.56 2.10
N ALA B 166 -16.05 -16.11 1.02
CA ALA B 166 -16.18 -17.54 0.65
C ALA B 166 -15.48 -18.42 1.69
N VAL B 167 -16.18 -19.46 2.14
CA VAL B 167 -15.76 -20.35 3.21
C VAL B 167 -16.03 -21.77 2.74
N SER B 168 -14.97 -22.55 2.61
CA SER B 168 -15.06 -23.93 2.18
C SER B 168 -14.62 -24.84 3.32
N THR B 169 -15.30 -25.96 3.52
CA THR B 169 -14.87 -26.91 4.55
C THR B 169 -13.98 -27.98 3.96
N VAL B 170 -13.06 -28.46 4.78
CA VAL B 170 -12.11 -29.48 4.39
C VAL B 170 -12.15 -30.58 5.45
N PRO B 171 -12.20 -31.86 5.01
CA PRO B 171 -12.06 -32.98 5.92
C PRO B 171 -10.60 -33.12 6.38
N VAL B 172 -10.40 -33.10 7.69
CA VAL B 172 -9.06 -33.17 8.23
C VAL B 172 -8.72 -34.60 8.66
N LEU B 176 -5.23 -34.25 13.47
CA LEU B 176 -4.67 -33.03 12.84
C LEU B 176 -5.67 -31.86 12.80
N HIS B 177 -5.12 -30.65 12.64
CA HIS B 177 -5.92 -29.47 12.33
C HIS B 177 -5.54 -29.13 10.91
N LEU B 178 -6.36 -28.34 10.22
CA LEU B 178 -6.02 -27.98 8.83
C LEU B 178 -4.61 -27.41 8.67
N LYS B 179 -4.23 -26.52 9.57
CA LYS B 179 -2.96 -25.82 9.47
C LYS B 179 -1.80 -26.60 10.08
N SER B 180 -2.02 -27.90 10.37
CA SER B 180 -0.92 -28.82 10.71
C SER B 180 0.04 -29.11 9.54
N PHE B 181 -0.40 -28.86 8.30
CA PHE B 181 0.42 -29.15 7.10
C PHE B 181 0.53 -28.02 6.05
N CYS B 182 -0.07 -26.86 6.34
CA CYS B 182 -0.07 -25.73 5.43
C CYS B 182 -0.31 -24.40 6.17
N SER B 183 -0.16 -23.31 5.43
CA SER B 183 -0.57 -21.97 5.90
C SER B 183 -0.48 -21.01 4.69
N MET B 184 -0.35 -19.69 4.94
CA MET B 184 -0.07 -18.74 3.85
C MET B 184 1.40 -18.36 3.87
N ALA B 185 2.09 -18.51 2.75
CA ALA B 185 3.48 -18.11 2.65
C ALA B 185 3.68 -16.77 1.92
N GLY B 186 2.58 -16.15 1.51
CA GLY B 186 2.64 -14.85 0.84
C GLY B 186 1.32 -14.53 0.20
N PRO B 187 1.24 -13.41 -0.55
CA PRO B 187 0.03 -13.16 -1.34
C PRO B 187 -0.11 -14.25 -2.41
N ASN B 188 -1.24 -14.94 -2.36
CA ASN B 188 -1.46 -16.17 -3.14
C ASN B 188 -0.29 -17.17 -3.19
N LEU B 189 0.33 -17.40 -2.03
CA LEU B 189 1.39 -18.38 -1.93
C LEU B 189 1.09 -19.23 -0.72
N ILE B 190 0.86 -20.51 -0.96
CA ILE B 190 0.56 -21.44 0.13
C ILE B 190 1.74 -22.38 0.33
N ALA B 191 2.15 -22.49 1.59
CA ALA B 191 3.11 -23.51 2.00
C ALA B 191 2.35 -24.83 2.12
N ILE B 192 2.98 -25.92 1.68
CA ILE B 192 2.37 -27.24 1.76
C ILE B 192 3.40 -28.38 1.89
N GLY B 193 3.05 -29.39 2.67
CA GLY B 193 3.93 -30.53 2.89
C GLY B 193 3.89 -31.53 1.75
N SER B 194 4.91 -32.37 1.69
CA SER B 194 5.00 -33.41 0.67
C SER B 194 3.96 -34.54 0.83
N SER B 195 3.77 -35.02 2.07
CA SER B 195 2.90 -36.18 2.36
C SER B 195 1.52 -36.20 1.67
N GLU B 196 0.99 -37.41 1.48
CA GLU B 196 -0.30 -37.62 0.80
C GLU B 196 -1.51 -37.09 1.57
N SER B 197 -1.35 -36.85 2.86
CA SER B 197 -2.40 -36.22 3.66
C SER B 197 -2.39 -34.70 3.49
N ALA B 198 -1.25 -34.15 3.04
CA ALA B 198 -1.17 -32.72 2.69
C ALA B 198 -1.81 -32.48 1.33
N GLN B 199 -1.05 -32.74 0.26
CA GLN B 199 -1.47 -32.47 -1.13
C GLN B 199 -2.88 -32.93 -1.49
N LYS B 200 -3.35 -33.98 -0.84
CA LYS B 200 -4.72 -34.45 -1.05
C LYS B 200 -5.68 -33.36 -0.63
N ALA B 201 -5.48 -32.86 0.59
CA ALA B 201 -6.30 -31.78 1.14
C ALA B 201 -6.15 -30.47 0.36
N LEU B 202 -4.94 -30.21 -0.14
CA LEU B 202 -4.67 -29.09 -1.03
C LEU B 202 -5.61 -29.13 -2.23
N LYS B 203 -5.54 -30.24 -2.98
CA LYS B 203 -6.33 -30.43 -4.19
C LYS B 203 -7.83 -30.31 -3.95
N ILE B 204 -8.30 -30.75 -2.79
CA ILE B 204 -9.71 -30.61 -2.44
C ILE B 204 -10.04 -29.13 -2.26
N MET B 205 -9.12 -28.39 -1.64
CA MET B 205 -9.20 -26.94 -1.49
C MET B 205 -9.03 -26.30 -2.87
N GLN B 206 -8.08 -26.81 -3.65
CA GLN B 206 -7.73 -26.25 -4.97
C GLN B 206 -8.85 -26.40 -6.01
N GLN B 207 -9.53 -27.53 -6.00
CA GLN B 207 -10.73 -27.75 -6.84
C GLN B 207 -11.85 -26.77 -6.44
N MET B 208 -12.22 -26.81 -5.17
CA MET B 208 -13.29 -25.96 -4.62
C MET B 208 -13.07 -24.45 -4.86
N SER B 209 -11.85 -24.09 -5.27
CA SER B 209 -11.46 -22.69 -5.40
C SER B 209 -11.72 -22.10 -6.79
N ASP B 210 -12.33 -20.92 -6.80
CA ASP B 210 -12.47 -20.11 -8.00
C ASP B 210 -11.09 -19.68 -8.54
N HIS B 211 -10.23 -19.19 -7.62
CA HIS B 211 -8.86 -18.75 -7.93
C HIS B 211 -7.88 -19.91 -8.01
N ARG B 212 -6.75 -19.67 -8.69
CA ARG B 212 -5.65 -20.64 -8.73
C ARG B 212 -4.43 -20.06 -8.01
N TYR B 213 -4.26 -20.47 -6.75
CA TYR B 213 -3.16 -20.00 -5.89
C TYR B 213 -1.83 -20.59 -6.34
N ASP B 214 -0.73 -20.05 -5.84
CA ASP B 214 0.59 -20.67 -6.05
C ASP B 214 1.02 -21.40 -4.76
N LYS B 215 1.81 -22.46 -4.91
CA LYS B 215 2.17 -23.29 -3.76
C LYS B 215 3.69 -23.33 -3.49
N LEU B 216 4.05 -23.62 -2.23
CA LEU B 216 5.46 -23.79 -1.82
C LEU B 216 5.70 -25.12 -1.06
N THR B 217 6.10 -26.16 -1.80
CA THR B 217 6.09 -27.51 -1.24
C THR B 217 7.40 -27.88 -0.53
N VAL B 218 7.33 -27.91 0.80
CA VAL B 218 8.43 -28.33 1.66
C VAL B 218 8.43 -29.87 1.86
N PRO B 219 9.63 -30.48 2.01
CA PRO B 219 9.66 -31.93 2.23
C PRO B 219 8.82 -32.35 3.45
N ASP B 220 8.96 -31.62 4.54
CA ASP B 220 8.40 -31.96 5.85
C ASP B 220 7.10 -31.19 6.18
N ASP B 221 6.01 -31.93 6.40
CA ASP B 221 4.65 -31.37 6.55
C ASP B 221 4.39 -30.36 7.65
N ILE B 222 5.18 -30.41 8.72
CA ILE B 222 4.98 -29.51 9.86
C ILE B 222 5.71 -28.18 9.61
N ALA B 223 6.68 -28.21 8.71
CA ALA B 223 7.45 -27.02 8.35
C ALA B 223 6.72 -26.22 7.28
N ALA B 224 5.53 -26.66 6.93
CA ALA B 224 4.64 -25.93 6.04
C ALA B 224 3.78 -24.97 6.83
N ASN B 225 3.85 -25.06 8.15
CA ASN B 225 3.19 -24.11 9.00
C ASN B 225 4.21 -23.03 9.34
N CYS B 226 4.01 -21.86 8.73
CA CYS B 226 4.92 -20.73 8.82
C CYS B 226 4.09 -19.47 9.07
N ILE B 227 4.76 -18.34 9.36
CA ILE B 227 4.03 -17.04 9.53
C ILE B 227 4.48 -16.01 8.49
N TYR B 228 3.55 -15.59 7.65
CA TYR B 228 3.83 -14.58 6.64
C TYR B 228 3.36 -13.22 7.14
N LEU B 229 4.25 -12.24 7.10
CA LEU B 229 3.91 -10.85 7.37
C LEU B 229 4.35 -9.91 6.23
N ASN B 230 3.46 -9.02 5.83
CA ASN B 230 3.87 -7.81 5.08
C ASN B 230 4.27 -6.70 6.04
N ILE B 231 5.56 -6.40 6.05
CA ILE B 231 6.12 -5.47 7.07
C ILE B 231 6.44 -4.10 6.42
N PRO B 232 6.00 -2.99 7.03
CA PRO B 232 6.27 -1.65 6.43
C PRO B 232 7.74 -1.47 5.99
N ASN B 233 7.90 -1.07 4.73
CA ASN B 233 9.19 -0.72 4.14
C ASN B 233 10.15 -1.92 3.81
N LYS B 234 9.74 -3.14 4.17
CA LYS B 234 10.52 -4.36 3.89
C LYS B 234 9.82 -5.31 2.92
N GLY B 235 8.49 -5.32 2.91
CA GLY B 235 7.77 -6.20 2.01
C GLY B 235 7.58 -7.56 2.68
N HIS B 236 7.89 -8.61 1.94
CA HIS B 236 7.61 -9.98 2.37
C HIS B 236 8.53 -10.41 3.50
N VAL B 237 7.92 -10.85 4.59
CA VAL B 237 8.64 -11.40 5.74
C VAL B 237 7.98 -12.71 6.24
N LEU B 238 8.78 -13.76 6.35
CA LEU B 238 8.27 -15.08 6.71
C LEU B 238 9.03 -15.74 7.87
N LEU B 239 8.30 -16.13 8.92
CA LEU B 239 8.85 -16.98 10.00
C LEU B 239 8.72 -18.45 9.62
N HIS B 240 9.83 -19.18 9.68
CA HIS B 240 9.81 -20.61 9.43
C HIS B 240 10.72 -21.37 10.41
N ARG B 241 10.63 -22.70 10.35
CA ARG B 241 11.37 -23.59 11.25
C ARG B 241 12.83 -23.68 10.85
N THR B 242 13.71 -23.71 11.85
CA THR B 242 15.16 -23.66 11.64
C THR B 242 15.73 -24.83 10.79
N PRO B 243 16.99 -24.70 10.34
CA PRO B 243 17.56 -25.79 9.55
C PRO B 243 18.05 -26.94 10.44
N GLU B 244 17.84 -26.81 11.74
CA GLU B 244 17.95 -27.92 12.67
C GLU B 244 16.71 -28.80 12.51
N GLU B 245 15.56 -28.23 12.83
CA GLU B 245 14.31 -28.98 12.98
C GLU B 245 13.83 -29.66 11.72
N TYR B 246 13.81 -28.89 10.63
CA TYR B 246 13.36 -29.41 9.37
C TYR B 246 14.33 -28.86 8.31
N PRO B 247 15.52 -29.50 8.20
CA PRO B 247 16.64 -28.98 7.40
C PRO B 247 16.38 -29.05 5.90
N GLU B 248 15.82 -30.16 5.42
CA GLU B 248 15.47 -30.27 4.01
C GLU B 248 14.40 -29.24 3.64
N SER B 249 13.76 -28.67 4.65
CA SER B 249 12.69 -27.69 4.44
C SER B 249 13.19 -26.26 4.47
N ALA B 250 14.22 -26.01 5.28
CA ALA B 250 14.87 -24.69 5.36
C ALA B 250 15.74 -24.40 4.13
N LYS B 251 15.89 -25.40 3.27
CA LYS B 251 16.56 -25.21 1.99
C LYS B 251 15.57 -24.63 0.98
N VAL B 252 14.33 -25.12 1.07
CA VAL B 252 13.21 -24.65 0.24
C VAL B 252 12.88 -23.17 0.48
N TYR B 253 13.00 -22.75 1.72
CA TYR B 253 12.59 -21.41 2.09
C TYR B 253 13.64 -20.40 1.62
N GLU B 254 14.91 -20.76 1.80
CA GLU B 254 16.03 -19.94 1.27
C GLU B 254 15.89 -19.67 -0.23
N LYS B 255 15.06 -20.47 -0.92
CA LYS B 255 14.70 -20.23 -2.31
C LYS B 255 13.59 -19.17 -2.48
N LEU B 256 13.26 -18.45 -1.40
CA LEU B 256 12.43 -17.25 -1.51
C LEU B 256 13.34 -16.01 -1.60
N LYS B 257 13.59 -15.61 -2.85
CA LYS B 257 14.56 -14.57 -3.19
C LYS B 257 14.20 -13.19 -2.65
N ASP B 258 12.90 -12.89 -2.72
CA ASP B 258 12.36 -11.58 -2.34
C ASP B 258 11.86 -11.52 -0.89
N HIS B 259 12.01 -12.64 -0.18
CA HIS B 259 11.50 -12.78 1.15
C HIS B 259 12.54 -12.50 2.22
N MET B 260 12.10 -11.89 3.30
CA MET B 260 12.93 -11.77 4.48
C MET B 260 12.60 -12.92 5.43
N LEU B 261 13.18 -14.08 5.13
CA LEU B 261 12.95 -15.33 5.88
C LEU B 261 13.67 -15.29 7.22
N ILE B 262 12.91 -15.48 8.30
CA ILE B 262 13.47 -15.61 9.65
C ILE B 262 13.30 -17.03 10.23
N PRO B 263 14.42 -17.69 10.58
CA PRO B 263 14.35 -19.02 11.22
C PRO B 263 13.94 -18.91 12.68
N VAL B 264 12.92 -19.67 13.03
CA VAL B 264 12.33 -19.61 14.36
C VAL B 264 12.20 -21.06 14.86
N SER B 265 12.58 -21.28 16.11
CA SER B 265 12.54 -22.59 16.74
C SER B 265 11.24 -22.82 17.51
N MET B 266 10.66 -24.01 17.36
CA MET B 266 9.41 -24.37 18.07
C MET B 266 9.37 -25.88 18.48
N SER B 267 10.56 -26.48 18.54
CA SER B 267 10.70 -27.92 18.70
C SER B 267 10.14 -28.48 20.02
N GLU B 268 10.20 -27.69 21.08
CA GLU B 268 9.61 -28.11 22.36
C GLU B 268 8.09 -28.09 22.36
N LEU B 269 7.49 -27.00 21.87
CA LEU B 269 6.04 -26.94 21.77
C LEU B 269 5.47 -27.88 20.71
N GLU B 270 6.25 -28.22 19.69
CA GLU B 270 5.78 -29.18 18.69
C GLU B 270 5.39 -30.56 19.30
N LYS B 271 6.02 -30.89 20.41
CA LYS B 271 5.72 -32.09 21.18
C LYS B 271 4.29 -32.09 21.74
N VAL B 272 3.72 -30.90 21.89
CA VAL B 272 2.32 -30.79 22.30
C VAL B 272 1.46 -30.20 21.15
N ASP B 273 1.94 -30.41 19.92
CA ASP B 273 1.23 -30.01 18.71
C ASP B 273 1.13 -28.49 18.54
N GLY B 274 2.05 -27.76 19.17
CA GLY B 274 2.14 -26.30 18.99
C GLY B 274 3.14 -25.96 17.89
N LEU B 275 2.65 -25.31 16.85
CA LEU B 275 3.49 -24.91 15.71
C LEU B 275 3.56 -23.38 15.63
N LEU B 276 4.18 -22.85 14.57
CA LEU B 276 4.37 -21.39 14.51
C LEU B 276 3.05 -20.62 14.57
N THR B 277 2.10 -20.90 13.70
CA THR B 277 0.84 -20.14 13.71
C THR B 277 0.06 -20.17 15.00
N CYS B 278 0.18 -21.27 15.76
CA CYS B 278 -0.58 -21.46 17.00
C CYS B 278 -0.31 -20.45 18.09
N CYS B 279 0.88 -19.87 18.11
CA CYS B 279 1.23 -19.04 19.24
C CYS B 279 0.94 -17.53 19.11
N SER B 280 0.23 -17.12 18.05
CA SER B 280 -0.19 -15.72 17.97
C SER B 280 -1.54 -15.52 17.24
N VAL B 281 -2.24 -14.45 17.62
CA VAL B 281 -3.39 -13.97 16.87
C VAL B 281 -2.87 -12.62 16.31
N LEU B 282 -2.86 -12.48 14.98
CA LEU B 282 -2.34 -11.26 14.35
C LEU B 282 -3.51 -10.36 13.96
N ILE B 283 -3.32 -9.05 14.05
CA ILE B 283 -4.39 -8.09 13.92
C ILE B 283 -3.92 -6.82 13.22
N ASN B 284 -4.72 -6.36 12.26
CA ASN B 284 -4.43 -5.08 11.59
C ASN B 284 -5.41 -4.04 12.08
N LYS B 285 -4.98 -3.21 13.01
CA LYS B 285 -5.84 -2.20 13.58
C LYS B 285 -5.51 -0.88 12.86
N LYS B 286 -6.55 -0.29 12.26
CA LYS B 286 -6.37 0.84 11.35
C LYS B 286 -6.81 2.12 12.00
#